data_1YS1
#
_entry.id   1YS1
#
_cell.length_a   88.848
_cell.length_b   46.185
_cell.length_c   84.626
_cell.angle_alpha   90.00
_cell.angle_beta   121.27
_cell.angle_gamma   90.00
#
_symmetry.space_group_name_H-M   'C 1 2 1'
#
loop_
_entity.id
_entity.type
_entity.pdbx_description
1 polymer Lipase
2 non-polymer 'CALCIUM ION'
3 non-polymer 'HEXYLPHOSPHONIC ACID (R)-2-METHYL-3-PHENYLPROPYL ESTER'
4 water water
#
_entity_poly.entity_id   1
_entity_poly.type   'polypeptide(L)'
_entity_poly.pdbx_seq_one_letter_code
;ADNYAATRYPIILVHGLTGTDKYAGVLEYWYGIQEDLQQRGATVYVANLSGFQSDDGPNGRGEQLLAYVKTVLAATGATK
VNLVGHSQGGLTSRYVAAVAPDLVASVTTIGTPHRGSEFADFVQGVLAYDPTGLSSTVIAAFVNVFGILTSSSNNTNQDA
LAALKTLTTAQAATYNQNYPSAGLGAPGSCQTGAPTETVGGNTHLLYSWAGTAIQPTISVGGVTGATDTSTIPLVDPANA
LDPSTLALFGTGTVMVNRGSGQNDGVVSKCSALYGQVLSTSYKWNHLDEINQLLGVRGANAEDPVAVIRTHANRLKLAGV
;
_entity_poly.pdbx_strand_id   X
#
# COMPACT_ATOMS: atom_id res chain seq x y z
N ALA A 1 5.96 -28.17 1.00
CA ALA A 1 6.17 -27.32 -0.20
C ALA A 1 5.50 -27.89 -1.45
N ASP A 2 5.06 -27.00 -2.33
CA ASP A 2 4.39 -27.35 -3.56
C ASP A 2 4.48 -26.16 -4.54
N ASN A 3 3.66 -26.16 -5.59
CA ASN A 3 3.64 -25.07 -6.57
C ASN A 3 2.32 -24.28 -6.60
N TYR A 4 1.62 -24.25 -5.46
CA TYR A 4 0.37 -23.51 -5.35
C TYR A 4 0.49 -22.05 -5.78
N ALA A 5 1.60 -21.43 -5.44
CA ALA A 5 1.84 -20.01 -5.75
C ALA A 5 2.77 -19.78 -6.94
N ALA A 6 3.05 -20.82 -7.71
CA ALA A 6 3.95 -20.68 -8.86
C ALA A 6 3.18 -19.91 -9.90
N THR A 7 3.73 -18.79 -10.34
CA THR A 7 3.14 -17.98 -11.39
C THR A 7 4.04 -18.02 -12.60
N ARG A 8 3.49 -17.69 -13.75
CA ARG A 8 4.26 -17.61 -14.97
C ARG A 8 5.31 -16.51 -14.88
N TYR A 9 4.92 -15.36 -14.33
CA TYR A 9 5.80 -14.20 -14.26
C TYR A 9 6.19 -13.95 -12.80
N PRO A 10 7.44 -13.54 -12.55
CA PRO A 10 7.86 -13.29 -11.17
C PRO A 10 7.01 -12.24 -10.50
N ILE A 11 6.81 -12.43 -9.20
CA ILE A 11 6.10 -11.45 -8.37
C ILE A 11 7.11 -10.51 -7.77
N ILE A 12 6.82 -9.21 -7.83
CA ILE A 12 7.57 -8.21 -7.07
C ILE A 12 6.64 -7.56 -6.06
N LEU A 13 7.00 -7.67 -4.79
CA LEU A 13 6.29 -7.00 -3.70
C LEU A 13 6.84 -5.60 -3.55
N VAL A 14 5.95 -4.60 -3.47
CA VAL A 14 6.32 -3.20 -3.52
C VAL A 14 5.77 -2.47 -2.30
N HIS A 15 6.66 -2.11 -1.38
CA HIS A 15 6.31 -1.42 -0.14
C HIS A 15 5.88 0.02 -0.40
N GLY A 16 5.26 0.60 0.63
CA GLY A 16 4.79 1.97 0.61
C GLY A 16 5.66 2.90 1.45
N LEU A 17 5.00 3.95 1.94
CA LEU A 17 5.59 4.99 2.76
C LEU A 17 6.29 4.41 3.97
N THR A 18 7.45 5.01 4.28
CA THR A 18 8.39 4.61 5.35
C THR A 18 9.23 3.42 5.01
N GLY A 19 8.87 2.68 3.97
CA GLY A 19 9.38 1.34 3.80
C GLY A 19 10.70 1.21 3.10
N THR A 20 11.02 -0.07 2.94
CA THR A 20 12.27 -0.65 2.45
C THR A 20 12.00 -2.16 2.47
N ASP A 21 12.84 -2.98 1.86
CA ASP A 21 12.61 -4.42 1.97
C ASP A 21 12.74 -4.91 3.42
N LYS A 22 13.73 -4.39 4.14
CA LYS A 22 14.01 -4.78 5.53
C LYS A 22 14.44 -3.55 6.33
N TYR A 23 13.62 -3.14 7.29
CA TYR A 23 13.98 -2.02 8.15
C TYR A 23 15.24 -2.31 8.96
N ALA A 24 16.23 -1.42 8.84
CA ALA A 24 17.54 -1.58 9.46
C ALA A 24 18.23 -2.89 9.06
N GLY A 25 17.87 -3.42 7.89
CA GLY A 25 18.35 -4.71 7.44
C GLY A 25 17.86 -5.91 8.25
N VAL A 26 16.88 -5.70 9.13
CA VAL A 26 16.46 -6.72 10.10
C VAL A 26 14.97 -7.08 10.00
N LEU A 27 14.08 -6.10 9.96
CA LEU A 27 12.64 -6.36 10.00
C LEU A 27 12.03 -6.29 8.60
N GLU A 28 11.61 -7.43 8.07
CA GLU A 28 10.94 -7.48 6.78
C GLU A 28 9.69 -6.63 6.79
N TYR A 29 9.53 -5.78 5.78
CA TYR A 29 8.28 -5.05 5.59
C TYR A 29 7.13 -6.03 5.39
N TRP A 30 7.34 -6.97 4.47
CA TRP A 30 6.33 -7.97 4.12
C TRP A 30 6.59 -9.17 5.02
N TYR A 31 6.11 -9.11 6.26
CA TYR A 31 6.59 -10.01 7.31
C TYR A 31 6.22 -11.47 7.04
N GLY A 32 7.25 -12.30 6.79
CA GLY A 32 7.05 -13.72 6.53
C GLY A 32 6.45 -14.07 5.19
N ILE A 33 6.16 -13.08 4.36
CA ILE A 33 5.38 -13.31 3.15
C ILE A 33 6.24 -13.83 2.00
N GLN A 34 7.42 -13.28 1.79
CA GLN A 34 8.30 -13.82 0.76
C GLN A 34 8.60 -15.30 1.03
N GLU A 35 8.87 -15.63 2.29
CA GLU A 35 9.17 -17.00 2.68
C GLU A 35 8.01 -17.94 2.39
N ASP A 36 6.80 -17.51 2.76
CA ASP A 36 5.63 -18.34 2.52
C ASP A 36 5.41 -18.57 1.03
N LEU A 37 5.47 -17.51 0.25
CA LEU A 37 5.25 -17.63 -1.17
C LEU A 37 6.29 -18.53 -1.83
N GLN A 38 7.55 -18.38 -1.45
CA GLN A 38 8.62 -19.22 -1.98
C GLN A 38 8.46 -20.71 -1.61
N GLN A 39 7.98 -20.99 -0.42
CA GLN A 39 7.70 -22.36 0.01
C GLN A 39 6.60 -22.99 -0.85
N ARG A 40 5.74 -22.14 -1.42
CA ARG A 40 4.65 -22.58 -2.27
C ARG A 40 4.96 -22.39 -3.76
N GLY A 41 6.25 -22.28 -4.08
CA GLY A 41 6.70 -22.36 -5.46
C GLY A 41 6.80 -21.05 -6.21
N ALA A 42 6.55 -19.92 -5.54
CA ALA A 42 6.62 -18.63 -6.22
C ALA A 42 8.05 -18.15 -6.40
N THR A 43 8.27 -17.39 -7.47
CA THR A 43 9.48 -16.62 -7.67
C THR A 43 9.10 -15.20 -7.27
N VAL A 44 9.68 -14.73 -6.18
CA VAL A 44 9.27 -13.48 -5.55
C VAL A 44 10.47 -12.65 -5.16
N TYR A 45 10.44 -11.39 -5.58
CA TYR A 45 11.44 -10.40 -5.25
C TYR A 45 10.78 -9.27 -4.47
N VAL A 46 11.55 -8.63 -3.61
CA VAL A 46 11.04 -7.56 -2.77
C VAL A 46 11.79 -6.28 -3.09
N ALA A 47 11.09 -5.30 -3.66
CA ALA A 47 11.68 -4.02 -3.97
C ALA A 47 12.14 -3.28 -2.71
N ASN A 48 13.19 -2.48 -2.91
CA ASN A 48 13.73 -1.59 -1.89
C ASN A 48 13.81 -0.19 -2.51
N LEU A 49 12.81 0.62 -2.23
CA LEU A 49 12.68 1.96 -2.81
C LEU A 49 12.81 3.01 -1.72
N SER A 50 12.92 4.28 -2.10
CA SER A 50 12.85 5.35 -1.13
C SER A 50 11.58 5.20 -0.29
N GLY A 51 11.72 5.24 1.02
CA GLY A 51 10.57 5.22 1.89
C GLY A 51 9.78 6.51 1.85
N PHE A 52 10.44 7.60 1.44
CA PHE A 52 9.81 8.92 1.38
C PHE A 52 10.15 9.53 0.04
N GLN A 53 9.19 9.53 -0.89
CA GLN A 53 9.37 10.20 -2.18
C GLN A 53 8.01 10.27 -2.85
N SER A 54 7.94 11.09 -3.90
CA SER A 54 6.86 10.96 -4.85
C SER A 54 7.02 9.67 -5.64
N ASP A 55 5.97 9.27 -6.36
CA ASP A 55 6.06 8.15 -7.28
C ASP A 55 6.51 8.58 -8.67
N ASP A 56 6.14 9.78 -9.10
CA ASP A 56 6.66 10.32 -10.35
C ASP A 56 7.97 11.08 -10.11
N GLY A 57 8.53 11.61 -11.19
CA GLY A 57 9.76 12.38 -11.13
C GLY A 57 10.97 11.53 -11.44
N PRO A 58 12.06 12.14 -11.93
CA PRO A 58 13.25 11.37 -12.29
C PRO A 58 13.86 10.59 -11.12
N ASN A 59 13.75 11.13 -9.91
CA ASN A 59 14.26 10.49 -8.69
C ASN A 59 13.18 9.81 -7.85
N GLY A 60 11.98 9.68 -8.40
CA GLY A 60 10.85 9.15 -7.67
C GLY A 60 10.86 7.64 -7.56
N ARG A 61 9.90 7.12 -6.80
CA ARG A 61 9.83 5.70 -6.55
C ARG A 61 9.49 4.91 -7.81
N GLY A 62 8.73 5.51 -8.72
CA GLY A 62 8.34 4.85 -9.95
C GLY A 62 9.52 4.50 -10.84
N GLU A 63 10.43 5.44 -11.05
CA GLU A 63 11.62 5.17 -11.84
C GLU A 63 12.52 4.18 -11.11
N GLN A 64 12.57 4.26 -9.79
CA GLN A 64 13.32 3.27 -9.01
C GLN A 64 12.77 1.87 -9.23
N LEU A 65 11.45 1.74 -9.18
CA LEU A 65 10.82 0.44 -9.37
C LEU A 65 11.01 -0.06 -10.79
N LEU A 66 10.90 0.83 -11.78
CA LEU A 66 11.14 0.44 -13.16
C LEU A 66 12.55 -0.14 -13.33
N ALA A 67 13.55 0.54 -12.77
CA ALA A 67 14.92 0.04 -12.86
C ALA A 67 15.03 -1.34 -12.18
N TYR A 68 14.38 -1.50 -11.04
CA TYR A 68 14.43 -2.76 -10.32
C TYR A 68 13.75 -3.88 -11.12
N VAL A 69 12.60 -3.59 -11.72
CA VAL A 69 11.92 -4.54 -12.58
C VAL A 69 12.87 -5.04 -13.67
N LYS A 70 13.59 -4.14 -14.32
CA LYS A 70 14.52 -4.55 -15.38
C LYS A 70 15.59 -5.49 -14.84
N THR A 71 16.08 -5.26 -13.62
CA THR A 71 17.07 -6.17 -13.04
C THR A 71 16.47 -7.54 -12.72
N VAL A 72 15.21 -7.58 -12.29
CA VAL A 72 14.54 -8.84 -11.99
C VAL A 72 14.32 -9.65 -13.27
N LEU A 73 13.92 -8.97 -14.34
CA LEU A 73 13.76 -9.63 -15.63
C LEU A 73 15.09 -10.20 -16.14
N ALA A 74 16.16 -9.45 -15.99
CA ALA A 74 17.49 -9.93 -16.40
C ALA A 74 17.90 -11.15 -15.58
N ALA A 75 17.63 -11.12 -14.28
CA ALA A 75 18.04 -12.22 -13.37
C ALA A 75 17.26 -13.51 -13.61
N THR A 76 15.97 -13.38 -13.92
CA THR A 76 15.07 -14.54 -14.06
C THR A 76 14.96 -15.03 -15.50
N GLY A 77 15.30 -14.18 -16.46
CA GLY A 77 15.03 -14.44 -17.87
C GLY A 77 13.57 -14.25 -18.25
N ALA A 78 12.74 -13.77 -17.32
CA ALA A 78 11.34 -13.52 -17.60
C ALA A 78 11.19 -12.27 -18.44
N THR A 79 10.01 -12.09 -19.00
CA THR A 79 9.73 -10.93 -19.85
C THR A 79 8.78 -9.92 -19.22
N LYS A 80 8.03 -10.33 -18.18
CA LYS A 80 7.10 -9.45 -17.47
C LYS A 80 7.10 -9.83 -16.01
N VAL A 81 6.53 -8.95 -15.20
CA VAL A 81 6.35 -9.19 -13.76
C VAL A 81 4.91 -8.95 -13.32
N ASN A 82 4.56 -9.56 -12.20
CA ASN A 82 3.35 -9.30 -11.46
C ASN A 82 3.69 -8.36 -10.31
N LEU A 83 3.16 -7.14 -10.32
CA LEU A 83 3.42 -6.17 -9.27
C LEU A 83 2.34 -6.26 -8.19
N VAL A 84 2.76 -6.39 -6.95
CA VAL A 84 1.86 -6.42 -5.81
C VAL A 84 2.31 -5.31 -4.86
N GLY A 85 1.52 -4.25 -4.75
CA GLY A 85 1.89 -3.08 -3.98
C GLY A 85 1.00 -2.87 -2.77
N HIS A 86 1.61 -2.52 -1.64
CA HIS A 86 0.89 -2.14 -0.43
C HIS A 86 0.93 -0.64 -0.27
N SER A 87 -0.20 -0.05 0.04
CA SER A 87 -0.26 1.37 0.33
C SER A 87 0.32 2.14 -0.87
N GLN A 88 1.25 3.07 -0.66
CA GLN A 88 1.82 3.83 -1.78
C GLN A 88 2.46 2.93 -2.84
N GLY A 89 2.91 1.73 -2.46
CA GLY A 89 3.46 0.81 -3.43
C GLY A 89 2.51 0.47 -4.56
N GLY A 90 1.19 0.56 -4.33
CA GLY A 90 0.23 0.37 -5.39
C GLY A 90 0.23 1.51 -6.39
N LEU A 91 0.48 2.73 -5.92
CA LEU A 91 0.65 3.88 -6.80
C LEU A 91 1.92 3.73 -7.62
N THR A 92 2.99 3.27 -7.00
CA THR A 92 4.26 3.05 -7.70
C THR A 92 4.10 2.00 -8.78
N SER A 93 3.34 0.95 -8.46
CA SER A 93 3.08 -0.13 -9.40
C SER A 93 2.27 0.36 -10.59
N ARG A 94 1.26 1.20 -10.34
CA ARG A 94 0.53 1.85 -11.43
C ARG A 94 1.47 2.65 -12.34
N TYR A 95 2.42 3.38 -11.75
CA TYR A 95 3.36 4.16 -12.54
C TYR A 95 4.10 3.26 -13.52
N VAL A 96 4.64 2.15 -13.04
CA VAL A 96 5.42 1.26 -13.89
C VAL A 96 4.53 0.62 -14.96
N ALA A 97 3.32 0.20 -14.61
CA ALA A 97 2.40 -0.37 -15.59
C ALA A 97 2.07 0.63 -16.70
N ALA A 98 2.01 1.91 -16.37
CA ALA A 98 1.70 2.95 -17.35
C ALA A 98 2.90 3.27 -18.23
N VAL A 99 4.10 3.36 -17.66
CA VAL A 99 5.26 3.81 -18.44
C VAL A 99 6.01 2.67 -19.13
N ALA A 100 5.84 1.44 -18.64
CA ALA A 100 6.49 0.26 -19.21
C ALA A 100 5.47 -0.87 -19.29
N PRO A 101 4.40 -0.66 -20.05
CA PRO A 101 3.31 -1.64 -20.05
C PRO A 101 3.73 -3.03 -20.55
N ASP A 102 4.75 -3.08 -21.39
CA ASP A 102 5.27 -4.35 -21.91
C ASP A 102 5.97 -5.19 -20.85
N LEU A 103 6.36 -4.59 -19.72
CA LEU A 103 7.08 -5.31 -18.68
C LEU A 103 6.19 -5.80 -17.55
N VAL A 104 4.89 -5.56 -17.63
CA VAL A 104 3.97 -5.84 -16.53
C VAL A 104 2.87 -6.77 -17.03
N ALA A 105 2.57 -7.80 -16.24
CA ALA A 105 1.48 -8.72 -16.50
C ALA A 105 0.25 -8.44 -15.63
N SER A 106 0.46 -7.93 -14.42
CA SER A 106 -0.65 -7.62 -13.51
C SER A 106 -0.23 -6.57 -12.49
N VAL A 107 -1.22 -5.88 -11.95
CA VAL A 107 -1.05 -4.95 -10.86
C VAL A 107 -2.10 -5.28 -9.81
N THR A 108 -1.64 -5.54 -8.59
CA THR A 108 -2.50 -5.80 -7.45
C THR A 108 -2.19 -4.76 -6.39
N THR A 109 -3.21 -4.09 -5.87
CA THR A 109 -2.99 -3.09 -4.84
C THR A 109 -3.70 -3.48 -3.55
N ILE A 110 -2.98 -3.34 -2.44
CA ILE A 110 -3.45 -3.71 -1.13
C ILE A 110 -3.45 -2.46 -0.26
N GLY A 111 -4.62 -1.99 0.14
CA GLY A 111 -4.69 -0.80 0.97
C GLY A 111 -4.03 0.41 0.33
N THR A 112 -4.20 0.56 -0.98
CA THR A 112 -3.53 1.65 -1.70
C THR A 112 -4.43 2.87 -1.76
N PRO A 113 -3.92 4.04 -1.37
CA PRO A 113 -4.73 5.26 -1.44
C PRO A 113 -4.75 5.85 -2.85
N HIS A 114 -5.49 5.19 -3.75
CA HIS A 114 -5.63 5.71 -5.11
C HIS A 114 -6.23 7.10 -5.14
N ARG A 115 -7.05 7.43 -4.15
CA ARG A 115 -7.65 8.75 -4.02
C ARG A 115 -7.03 9.55 -2.87
N GLY A 116 -5.87 9.13 -2.39
CA GLY A 116 -5.22 9.80 -1.29
C GLY A 116 -5.82 9.43 0.06
N SER A 117 -5.30 10.08 1.10
CA SER A 117 -5.69 9.79 2.47
C SER A 117 -6.09 11.07 3.19
N GLU A 118 -7.24 11.02 3.85
CA GLU A 118 -7.69 12.11 4.71
C GLU A 118 -6.71 12.34 5.86
N PHE A 119 -5.96 11.31 6.24
CA PHE A 119 -4.95 11.48 7.27
C PHE A 119 -3.74 12.29 6.78
N ALA A 120 -3.35 12.11 5.54
CA ALA A 120 -2.35 12.99 4.93
C ALA A 120 -2.87 14.42 4.83
N ASP A 121 -4.14 14.59 4.47
CA ASP A 121 -4.72 15.93 4.44
C ASP A 121 -4.61 16.59 5.81
N PHE A 122 -4.93 15.82 6.85
CA PHE A 122 -4.84 16.28 8.23
C PHE A 122 -3.42 16.73 8.59
N VAL A 123 -2.44 15.89 8.33
CA VAL A 123 -1.06 16.22 8.71
C VAL A 123 -0.56 17.43 7.94
N GLN A 124 -0.84 17.50 6.65
CA GLN A 124 -0.49 18.68 5.85
C GLN A 124 -1.15 19.93 6.43
N GLY A 125 -2.42 19.83 6.78
CA GLY A 125 -3.15 20.95 7.35
C GLY A 125 -2.56 21.39 8.68
N VAL A 126 -2.14 20.44 9.50
CA VAL A 126 -1.52 20.76 10.79
C VAL A 126 -0.29 21.66 10.56
N LEU A 127 0.55 21.28 9.61
CA LEU A 127 1.78 22.03 9.34
C LEU A 127 1.51 23.47 8.93
N ALA A 128 0.37 23.73 8.29
CA ALA A 128 0.01 25.09 7.88
C ALA A 128 -0.25 26.04 9.06
N TYR A 129 -0.45 25.49 10.26
CA TYR A 129 -0.66 26.30 11.45
C TYR A 129 0.62 26.82 12.10
N ASP A 130 1.78 26.46 11.55
CA ASP A 130 3.02 27.10 11.95
C ASP A 130 3.31 28.24 10.97
N PRO A 131 3.06 29.49 11.36
CA PRO A 131 3.24 30.59 10.41
C PRO A 131 4.69 30.85 10.02
N THR A 132 5.65 30.28 10.76
CA THR A 132 7.06 30.38 10.39
C THR A 132 7.50 29.33 9.38
N GLY A 133 6.73 28.27 9.23
CA GLY A 133 7.10 27.14 8.39
C GLY A 133 8.20 26.26 8.97
N LEU A 134 8.73 26.60 10.13
CA LEU A 134 9.88 25.87 10.66
C LEU A 134 9.55 24.43 11.03
N SER A 135 8.31 24.18 11.45
CA SER A 135 7.85 22.82 11.76
C SER A 135 8.03 21.90 10.57
N SER A 136 7.73 22.38 9.38
CA SER A 136 7.87 21.58 8.16
C SER A 136 9.33 21.22 7.92
N THR A 137 10.23 22.20 8.06
CA THR A 137 11.64 21.97 7.81
C THR A 137 12.23 21.00 8.83
N VAL A 138 11.91 21.21 10.09
CA VAL A 138 12.45 20.39 11.17
C VAL A 138 11.93 18.96 11.09
N ILE A 139 10.62 18.82 10.92
CA ILE A 139 10.05 17.47 10.93
C ILE A 139 10.46 16.73 9.65
N ALA A 140 10.59 17.43 8.53
CA ALA A 140 11.09 16.82 7.31
C ALA A 140 12.49 16.26 7.52
N ALA A 141 13.37 17.03 8.17
CA ALA A 141 14.71 16.55 8.46
C ALA A 141 14.66 15.28 9.30
N PHE A 142 13.82 15.30 10.34
CA PHE A 142 13.68 14.16 11.22
C PHE A 142 13.26 12.90 10.46
N VAL A 143 12.20 13.04 9.65
CA VAL A 143 11.64 11.90 8.92
C VAL A 143 12.60 11.42 7.82
N ASN A 144 13.24 12.36 7.15
CA ASN A 144 14.22 11.98 6.13
C ASN A 144 15.37 11.17 6.73
N VAL A 145 15.85 11.57 7.90
CA VAL A 145 16.89 10.82 8.57
C VAL A 145 16.38 9.44 9.00
N PHE A 146 15.16 9.35 9.51
CA PHE A 146 14.56 8.06 9.79
C PHE A 146 14.62 7.17 8.54
N GLY A 147 14.31 7.73 7.37
CA GLY A 147 14.35 6.98 6.14
C GLY A 147 15.75 6.48 5.82
N ILE A 148 16.75 7.34 5.96
CA ILE A 148 18.12 6.94 5.68
C ILE A 148 18.57 5.83 6.62
N LEU A 149 18.28 5.98 7.91
CA LEU A 149 18.73 5.04 8.93
C LEU A 149 18.07 3.68 8.81
N THR A 150 16.79 3.66 8.41
CA THR A 150 16.05 2.40 8.36
C THR A 150 16.10 1.73 6.99
N SER A 151 16.35 2.49 5.93
CA SER A 151 16.54 1.89 4.62
C SER A 151 17.60 0.80 4.72
N SER A 152 17.33 -0.38 4.16
CA SER A 152 18.31 -1.47 4.19
C SER A 152 19.61 -1.11 3.49
N SER A 153 19.57 -0.13 2.60
CA SER A 153 20.74 0.31 1.84
C SER A 153 21.17 1.71 2.24
N ASN A 154 20.61 2.24 3.33
CA ASN A 154 20.84 3.63 3.74
C ASN A 154 20.68 4.62 2.59
N ASN A 155 19.61 4.40 1.82
CA ASN A 155 19.23 5.25 0.70
C ASN A 155 19.05 6.70 1.16
N THR A 156 19.86 7.61 0.62
CA THR A 156 19.79 9.01 1.02
C THR A 156 18.77 9.83 0.22
N ASN A 157 18.12 9.21 -0.77
CA ASN A 157 17.10 9.87 -1.55
C ASN A 157 15.78 9.76 -0.79
N GLN A 158 15.58 10.70 0.14
CA GLN A 158 14.39 10.73 0.98
C GLN A 158 13.84 12.15 0.96
N ASP A 159 12.54 12.28 0.71
CA ASP A 159 11.87 13.56 0.65
C ASP A 159 10.49 13.42 1.28
N ALA A 160 10.48 13.57 2.60
CA ALA A 160 9.28 13.38 3.39
C ALA A 160 8.18 14.36 3.05
N LEU A 161 8.52 15.62 2.76
CA LEU A 161 7.49 16.59 2.40
C LEU A 161 6.84 16.21 1.07
N ALA A 162 7.63 15.74 0.11
CA ALA A 162 7.08 15.29 -1.17
C ALA A 162 6.19 14.07 -0.95
N ALA A 163 6.60 13.15 -0.08
CA ALA A 163 5.80 11.95 0.18
C ALA A 163 4.46 12.32 0.79
N LEU A 164 4.47 13.25 1.74
CA LEU A 164 3.23 13.70 2.39
C LEU A 164 2.30 14.31 1.36
N LYS A 165 2.82 15.24 0.57
CA LYS A 165 2.00 15.89 -0.44
C LYS A 165 1.40 14.88 -1.41
N THR A 166 2.20 13.91 -1.83
CA THR A 166 1.80 12.87 -2.76
C THR A 166 0.54 12.14 -2.29
N LEU A 167 0.42 11.95 -0.98
CA LEU A 167 -0.64 11.13 -0.41
C LEU A 167 -1.88 11.91 -0.02
N THR A 168 -1.87 13.24 -0.17
CA THR A 168 -3.08 14.04 0.06
C THR A 168 -4.13 13.75 -1.00
N THR A 169 -5.39 13.99 -0.66
CA THR A 169 -6.47 13.71 -1.59
C THR A 169 -6.41 14.60 -2.82
N ALA A 170 -6.06 15.88 -2.66
CA ALA A 170 -5.99 16.77 -3.82
C ALA A 170 -4.88 16.32 -4.77
N GLN A 171 -3.74 15.93 -4.22
CA GLN A 171 -2.62 15.54 -5.07
C GLN A 171 -2.87 14.20 -5.74
N ALA A 172 -3.48 13.26 -5.02
CA ALA A 172 -3.82 11.97 -5.62
C ALA A 172 -4.75 12.17 -6.82
N ALA A 173 -5.68 13.11 -6.73
CA ALA A 173 -6.58 13.41 -7.84
C ALA A 173 -5.78 13.87 -9.06
N THR A 174 -4.78 14.71 -8.83
CA THR A 174 -3.86 15.11 -9.90
C THR A 174 -3.07 13.94 -10.46
N TYR A 175 -2.54 13.07 -9.59
CA TYR A 175 -1.85 11.87 -10.02
C TYR A 175 -2.71 11.05 -10.96
N ASN A 176 -4.00 10.93 -10.65
CA ASN A 176 -4.88 10.11 -11.47
C ASN A 176 -5.16 10.73 -12.82
N GLN A 177 -5.10 12.06 -12.91
CA GLN A 177 -5.18 12.74 -14.21
C GLN A 177 -3.90 12.51 -15.01
N ASN A 178 -2.75 12.50 -14.33
CA ASN A 178 -1.45 12.34 -14.98
C ASN A 178 -1.17 10.89 -15.40
N TYR A 179 -1.71 9.95 -14.64
CA TYR A 179 -1.49 8.51 -14.83
C TYR A 179 -2.85 7.81 -14.81
N PRO A 180 -3.70 8.10 -15.81
CA PRO A 180 -5.04 7.51 -15.82
C PRO A 180 -4.97 5.99 -15.93
N SER A 181 -6.04 5.33 -15.50
CA SER A 181 -6.12 3.89 -15.51
C SER A 181 -7.54 3.41 -15.78
N ALA A 182 -7.67 2.46 -16.69
CA ALA A 182 -8.95 1.80 -16.90
C ALA A 182 -9.44 1.12 -15.63
N GLY A 183 -8.55 0.81 -14.70
CA GLY A 183 -8.95 0.19 -13.44
C GLY A 183 -9.56 1.11 -12.41
N LEU A 184 -9.61 2.41 -12.69
CA LEU A 184 -10.17 3.39 -11.77
C LEU A 184 -11.54 3.85 -12.22
N GLY A 185 -12.46 3.97 -11.27
CA GLY A 185 -13.72 4.64 -11.52
C GLY A 185 -13.56 6.15 -11.58
N ALA A 186 -14.67 6.85 -11.78
CA ALA A 186 -14.62 8.30 -11.87
C ALA A 186 -14.26 8.91 -10.51
N PRO A 187 -13.57 10.05 -10.51
CA PRO A 187 -13.36 10.76 -9.25
C PRO A 187 -14.67 11.03 -8.53
N GLY A 188 -14.70 10.79 -7.23
CA GLY A 188 -15.86 11.06 -6.41
C GLY A 188 -16.92 9.97 -6.44
N SER A 189 -16.67 8.88 -7.19
CA SER A 189 -17.65 7.82 -7.40
C SER A 189 -17.67 6.76 -6.30
N CYS A 190 -16.58 6.62 -5.56
CA CYS A 190 -16.36 5.44 -4.73
C CYS A 190 -16.68 4.16 -5.50
N GLN A 191 -16.21 4.09 -6.73
CA GLN A 191 -16.41 2.95 -7.60
C GLN A 191 -15.08 2.52 -8.17
N THR A 192 -14.98 1.25 -8.56
CA THR A 192 -13.81 0.77 -9.27
C THR A 192 -14.00 0.94 -10.77
N GLY A 193 -13.00 0.54 -11.53
CA GLY A 193 -13.05 0.51 -12.98
C GLY A 193 -13.11 -0.92 -13.49
N ALA A 194 -12.38 -1.16 -14.58
CA ALA A 194 -12.35 -2.45 -15.25
C ALA A 194 -11.38 -3.41 -14.60
N PRO A 195 -11.58 -4.71 -14.79
CA PRO A 195 -10.68 -5.71 -14.22
C PRO A 195 -9.39 -5.93 -15.01
N THR A 196 -9.31 -5.42 -16.23
CA THR A 196 -8.09 -5.48 -17.03
C THR A 196 -7.91 -4.16 -17.76
N GLU A 197 -6.70 -3.97 -18.27
CA GLU A 197 -6.40 -2.88 -19.18
C GLU A 197 -5.51 -3.43 -20.28
N THR A 198 -5.56 -2.80 -21.44
CA THR A 198 -4.60 -3.07 -22.49
C THR A 198 -3.95 -1.75 -22.89
N VAL A 199 -2.64 -1.65 -22.66
CA VAL A 199 -1.88 -0.42 -22.82
C VAL A 199 -0.75 -0.69 -23.80
N GLY A 200 -0.76 0.00 -24.94
CA GLY A 200 0.20 -0.24 -26.00
C GLY A 200 0.19 -1.68 -26.51
N GLY A 201 -0.96 -2.35 -26.44
CA GLY A 201 -1.12 -3.72 -26.87
C GLY A 201 -0.81 -4.76 -25.79
N ASN A 202 -0.49 -4.30 -24.59
CA ASN A 202 -0.09 -5.19 -23.51
C ASN A 202 -1.21 -5.27 -22.47
N THR A 203 -1.76 -6.47 -22.26
CA THR A 203 -2.84 -6.63 -21.29
C THR A 203 -2.31 -6.83 -19.89
N HIS A 204 -2.93 -6.12 -18.94
CA HIS A 204 -2.64 -6.26 -17.53
C HIS A 204 -3.89 -6.68 -16.79
N LEU A 205 -3.76 -7.67 -15.91
CA LEU A 205 -4.83 -8.03 -14.99
C LEU A 205 -4.71 -7.13 -13.76
N LEU A 206 -5.83 -6.54 -13.33
CA LEU A 206 -5.84 -5.53 -12.27
C LEU A 206 -6.67 -6.02 -11.11
N TYR A 207 -6.13 -5.91 -9.89
CA TYR A 207 -6.81 -6.39 -8.69
C TYR A 207 -6.58 -5.45 -7.51
N SER A 208 -7.48 -5.48 -6.55
CA SER A 208 -7.25 -4.81 -5.28
C SER A 208 -7.97 -5.48 -4.14
N TRP A 209 -7.52 -5.17 -2.95
CA TRP A 209 -8.33 -5.35 -1.76
C TRP A 209 -8.02 -4.28 -0.75
N ALA A 210 -8.90 -4.19 0.25
CA ALA A 210 -8.85 -3.17 1.29
C ALA A 210 -9.13 -3.79 2.63
N GLY A 211 -8.53 -3.21 3.67
CA GLY A 211 -8.90 -3.52 5.05
C GLY A 211 -9.88 -2.49 5.58
N THR A 212 -10.92 -2.96 6.26
CA THR A 212 -11.90 -2.06 6.86
C THR A 212 -12.19 -2.41 8.32
N ALA A 213 -11.13 -2.63 9.09
CA ALA A 213 -11.30 -2.85 10.52
C ALA A 213 -11.94 -1.66 11.20
N ILE A 214 -11.60 -0.45 10.77
CA ILE A 214 -12.07 0.75 11.47
C ILE A 214 -13.41 1.18 10.87
N GLN A 215 -14.48 0.95 11.63
CA GLN A 215 -15.84 1.19 11.19
C GLN A 215 -16.44 2.35 11.95
N PRO A 216 -17.08 3.32 11.29
CA PRO A 216 -17.84 4.33 12.02
C PRO A 216 -19.08 3.67 12.62
N THR A 217 -19.33 3.82 13.91
CA THR A 217 -20.44 3.08 14.54
C THR A 217 -21.38 3.92 15.41
N ILE A 218 -21.03 5.16 15.67
CA ILE A 218 -21.87 6.04 16.47
C ILE A 218 -21.62 7.49 16.08
N SER A 219 -22.69 8.28 16.10
CA SER A 219 -22.62 9.71 15.84
C SER A 219 -23.39 10.44 16.93
N VAL A 220 -22.70 11.26 17.70
CA VAL A 220 -23.34 12.02 18.78
C VAL A 220 -22.85 13.47 18.73
N GLY A 221 -23.81 14.39 18.59
CA GLY A 221 -23.50 15.81 18.50
C GLY A 221 -22.42 16.16 17.48
N GLY A 222 -22.48 15.53 16.30
CA GLY A 222 -21.57 15.84 15.21
C GLY A 222 -20.22 15.12 15.22
N VAL A 223 -19.93 14.42 16.31
CA VAL A 223 -18.67 13.69 16.47
C VAL A 223 -18.93 12.21 16.19
N THR A 224 -18.07 11.59 15.38
CA THR A 224 -18.21 10.19 15.02
C THR A 224 -17.24 9.31 15.80
N GLY A 225 -17.76 8.26 16.41
CA GLY A 225 -16.94 7.25 17.05
C GLY A 225 -16.81 6.00 16.18
N ALA A 226 -15.67 5.35 16.30
CA ALA A 226 -15.37 4.15 15.53
C ALA A 226 -15.23 2.93 16.42
N THR A 227 -15.28 1.77 15.80
CA THR A 227 -15.01 0.49 16.42
C THR A 227 -13.94 -0.22 15.59
N ASP A 228 -12.97 -0.82 16.26
CA ASP A 228 -11.98 -1.66 15.60
C ASP A 228 -12.52 -3.08 15.58
N THR A 229 -13.14 -3.44 14.46
CA THR A 229 -13.76 -4.75 14.32
C THR A 229 -12.76 -5.89 14.20
N SER A 230 -11.46 -5.59 14.05
CA SER A 230 -10.44 -6.65 14.06
C SER A 230 -10.27 -7.29 15.44
N THR A 231 -10.71 -6.60 16.50
CA THR A 231 -10.42 -7.02 17.87
C THR A 231 -11.64 -7.52 18.65
N ILE A 232 -11.39 -8.43 19.58
CA ILE A 232 -12.32 -8.64 20.69
C ILE A 232 -12.30 -7.32 21.47
N PRO A 233 -13.46 -6.72 21.72
CA PRO A 233 -13.49 -5.39 22.30
C PRO A 233 -12.63 -5.19 23.54
N LEU A 234 -11.69 -4.24 23.44
CA LEU A 234 -10.74 -3.82 24.48
C LEU A 234 -9.68 -4.84 24.86
N VAL A 235 -10.11 -6.05 25.21
CA VAL A 235 -9.25 -7.05 25.83
C VAL A 235 -8.34 -7.82 24.86
N ASP A 236 -8.54 -7.64 23.56
CA ASP A 236 -7.77 -8.38 22.56
C ASP A 236 -6.28 -8.18 22.81
N PRO A 237 -5.50 -9.25 22.94
CA PRO A 237 -4.06 -9.07 23.16
C PRO A 237 -3.34 -8.34 22.03
N ALA A 238 -3.92 -8.24 20.83
CA ALA A 238 -3.30 -7.46 19.77
C ALA A 238 -3.21 -5.98 20.17
N ASN A 239 -4.11 -5.50 21.02
CA ASN A 239 -4.01 -4.14 21.53
C ASN A 239 -2.78 -3.95 22.41
N ALA A 240 -2.31 -5.02 23.06
CA ALA A 240 -1.16 -4.98 23.96
C ALA A 240 0.17 -5.24 23.27
N LEU A 241 0.18 -6.20 22.36
CA LEU A 241 1.43 -6.72 21.81
C LEU A 241 1.77 -6.21 20.43
N ASP A 242 0.95 -5.32 19.87
CA ASP A 242 1.24 -4.69 18.60
C ASP A 242 0.81 -3.23 18.76
N PRO A 243 1.77 -2.32 18.93
CA PRO A 243 1.43 -0.92 19.19
C PRO A 243 0.70 -0.26 18.02
N SER A 244 0.79 -0.83 16.82
CA SER A 244 0.07 -0.24 15.70
C SER A 244 -1.45 -0.45 15.77
N THR A 245 -1.94 -1.41 16.57
CA THR A 245 -3.37 -1.66 16.63
C THR A 245 -4.10 -0.41 17.12
N LEU A 246 -3.73 0.06 18.30
CA LEU A 246 -4.39 1.22 18.88
C LEU A 246 -4.02 2.49 18.14
N ALA A 247 -2.80 2.58 17.64
CA ALA A 247 -2.39 3.76 16.87
C ALA A 247 -3.29 3.94 15.64
N LEU A 248 -3.55 2.85 14.92
CA LEU A 248 -4.36 2.90 13.72
C LEU A 248 -5.83 3.07 14.04
N PHE A 249 -6.27 2.64 15.23
CA PHE A 249 -7.61 2.98 15.68
C PHE A 249 -7.75 4.49 15.89
N GLY A 250 -6.72 5.09 16.47
CA GLY A 250 -6.70 6.53 16.69
C GLY A 250 -6.68 7.32 15.38
N THR A 251 -5.76 6.98 14.47
CA THR A 251 -5.73 7.67 13.18
C THR A 251 -7.01 7.41 12.40
N GLY A 252 -7.57 6.21 12.53
CA GLY A 252 -8.80 5.85 11.85
C GLY A 252 -9.97 6.65 12.38
N THR A 253 -9.92 7.03 13.65
CA THR A 253 -10.93 7.89 14.26
C THR A 253 -10.83 9.31 13.67
N VAL A 254 -9.62 9.80 13.50
CA VAL A 254 -9.44 11.08 12.81
C VAL A 254 -10.02 10.98 11.39
N MET A 255 -9.73 9.87 10.71
CA MET A 255 -10.24 9.64 9.36
C MET A 255 -11.76 9.72 9.29
N VAL A 256 -12.46 9.02 10.17
CA VAL A 256 -13.93 9.02 10.09
C VAL A 256 -14.49 10.40 10.41
N ASN A 257 -13.80 11.18 11.23
CA ASN A 257 -14.22 12.54 11.53
C ASN A 257 -13.86 13.54 10.42
N ARG A 258 -13.14 13.08 9.40
CA ARG A 258 -12.94 13.84 8.15
C ARG A 258 -13.77 13.24 7.01
N GLY A 259 -14.77 12.43 7.34
CA GLY A 259 -15.70 11.91 6.37
C GLY A 259 -15.21 10.73 5.54
N SER A 260 -14.18 10.04 5.99
CA SER A 260 -13.61 8.94 5.21
C SER A 260 -14.49 7.72 5.06
N GLY A 261 -15.40 7.50 6.00
CA GLY A 261 -16.09 6.23 6.11
C GLY A 261 -15.12 5.15 6.58
N GLN A 262 -15.55 3.91 6.46
CA GLN A 262 -14.75 2.77 6.89
C GLN A 262 -13.36 2.79 6.28
N ASN A 263 -12.38 2.37 7.07
CA ASN A 263 -10.99 2.52 6.68
C ASN A 263 -10.10 1.55 7.44
N ASP A 264 -8.82 1.54 7.12
CA ASP A 264 -7.85 0.66 7.78
C ASP A 264 -6.94 1.40 8.76
N GLY A 265 -7.29 2.66 9.03
CA GLY A 265 -6.50 3.54 9.88
C GLY A 265 -5.94 4.71 9.11
N VAL A 266 -5.56 4.47 7.85
CA VAL A 266 -4.99 5.53 7.02
C VAL A 266 -5.48 5.55 5.56
N VAL A 267 -6.21 4.52 5.11
CA VAL A 267 -6.74 4.49 3.75
C VAL A 267 -8.21 4.05 3.83
N SER A 268 -9.09 4.82 3.21
CA SER A 268 -10.51 4.49 3.20
C SER A 268 -10.82 3.41 2.17
N LYS A 269 -11.95 2.75 2.35
CA LYS A 269 -12.44 1.78 1.39
C LYS A 269 -12.53 2.42 0.01
N CYS A 270 -13.14 3.60 -0.08
CA CYS A 270 -13.33 4.25 -1.36
C CYS A 270 -11.99 4.53 -2.04
N SER A 271 -11.02 4.99 -1.26
CA SER A 271 -9.73 5.32 -1.83
C SER A 271 -9.01 4.09 -2.38
N ALA A 272 -9.25 2.93 -1.76
CA ALA A 272 -8.56 1.68 -2.09
C ALA A 272 -9.04 0.98 -3.33
N LEU A 273 -10.18 1.38 -3.89
CA LEU A 273 -10.79 0.63 -5.00
C LEU A 273 -10.02 0.75 -6.32
N TYR A 274 -9.71 -0.39 -6.92
CA TYR A 274 -8.99 -0.45 -8.18
C TYR A 274 -9.15 -1.82 -8.84
N GLY A 275 -9.36 -1.84 -10.13
CA GLY A 275 -9.41 -3.10 -10.84
C GLY A 275 -10.51 -4.01 -10.34
N GLN A 276 -10.27 -5.30 -10.38
CA GLN A 276 -11.16 -6.27 -9.81
C GLN A 276 -11.00 -6.22 -8.29
N VAL A 277 -12.03 -5.75 -7.61
CA VAL A 277 -12.00 -5.57 -6.17
C VAL A 277 -12.37 -6.91 -5.54
N LEU A 278 -11.37 -7.61 -5.02
CA LEU A 278 -11.57 -8.95 -4.53
C LEU A 278 -12.30 -8.94 -3.19
N SER A 279 -12.02 -7.96 -2.35
CA SER A 279 -12.72 -7.79 -1.08
C SER A 279 -12.40 -6.43 -0.51
N THR A 280 -13.38 -5.84 0.16
CA THR A 280 -13.14 -4.71 1.05
C THR A 280 -13.66 -4.98 2.45
N SER A 281 -13.83 -6.26 2.79
CA SER A 281 -14.45 -6.64 4.06
C SER A 281 -13.48 -7.23 5.07
N TYR A 282 -12.21 -7.38 4.73
CA TYR A 282 -11.22 -7.87 5.68
C TYR A 282 -11.23 -7.01 6.93
N LYS A 283 -11.27 -7.66 8.09
CA LYS A 283 -11.24 -6.96 9.36
C LYS A 283 -9.79 -6.69 9.74
N TRP A 284 -9.18 -5.78 8.96
CA TRP A 284 -7.77 -5.48 9.02
C TRP A 284 -7.53 -4.00 9.16
N ASN A 285 -6.57 -3.65 10.00
CA ASN A 285 -5.96 -2.34 9.91
C ASN A 285 -4.82 -2.39 8.87
N HIS A 286 -4.23 -1.23 8.63
CA HIS A 286 -3.34 -1.05 7.51
C HIS A 286 -2.12 -1.96 7.60
N LEU A 287 -1.60 -2.17 8.82
CA LEU A 287 -0.43 -3.02 9.00
C LEU A 287 -0.78 -4.51 9.02
N ASP A 288 -2.00 -4.88 9.41
CA ASP A 288 -2.41 -6.27 9.32
C ASP A 288 -2.32 -6.77 7.87
N GLU A 289 -2.53 -5.88 6.91
CA GLU A 289 -2.49 -6.21 5.48
C GLU A 289 -1.15 -6.80 5.04
N ILE A 290 -0.08 -6.45 5.77
CA ILE A 290 1.27 -6.94 5.48
C ILE A 290 1.81 -7.79 6.63
N ASN A 291 0.89 -8.37 7.41
CA ASN A 291 1.23 -9.28 8.50
C ASN A 291 2.09 -8.61 9.58
N GLN A 292 1.77 -7.36 9.87
CA GLN A 292 2.52 -6.57 10.83
C GLN A 292 1.63 -6.16 12.02
N LEU A 293 2.23 -5.79 13.14
CA LEU A 293 3.66 -5.89 13.43
C LEU A 293 4.01 -7.28 13.89
N LEU A 294 5.02 -7.88 13.27
CA LEU A 294 5.53 -9.20 13.67
C LEU A 294 4.45 -10.28 13.72
N GLY A 295 3.49 -10.22 12.80
CA GLY A 295 2.49 -11.25 12.68
C GLY A 295 1.31 -11.12 13.62
N VAL A 296 1.26 -10.07 14.43
CA VAL A 296 0.19 -9.90 15.39
C VAL A 296 -1.04 -9.24 14.75
N ARG A 297 -2.20 -9.85 14.92
CA ARG A 297 -3.44 -9.26 14.45
C ARG A 297 -4.55 -9.58 15.45
N GLY A 298 -5.60 -8.78 15.39
CA GLY A 298 -6.76 -8.99 16.23
C GLY A 298 -7.41 -10.32 15.96
N ALA A 299 -8.20 -10.80 16.92
CA ALA A 299 -8.80 -12.12 16.87
C ALA A 299 -9.77 -12.30 15.70
N ASN A 300 -10.36 -11.20 15.23
CA ASN A 300 -11.31 -11.28 14.12
C ASN A 300 -10.69 -11.04 12.75
N ALA A 301 -9.39 -10.83 12.72
CA ALA A 301 -8.68 -10.56 11.47
C ALA A 301 -8.37 -11.86 10.73
N GLU A 302 -8.64 -11.85 9.43
CA GLU A 302 -8.26 -12.93 8.53
C GLU A 302 -6.73 -13.04 8.45
N ASP A 303 -6.24 -14.19 8.02
CA ASP A 303 -4.80 -14.44 7.90
C ASP A 303 -4.29 -13.77 6.62
N PRO A 304 -3.50 -12.70 6.71
CA PRO A 304 -3.05 -12.00 5.49
C PRO A 304 -2.04 -12.80 4.67
N VAL A 305 -1.27 -13.66 5.32
CA VAL A 305 -0.33 -14.51 4.60
C VAL A 305 -1.09 -15.46 3.66
N ALA A 306 -2.14 -16.09 4.18
CA ALA A 306 -2.97 -16.96 3.36
C ALA A 306 -3.68 -16.21 2.25
N VAL A 307 -4.13 -14.99 2.51
CA VAL A 307 -4.81 -14.21 1.48
C VAL A 307 -3.85 -13.91 0.31
N ILE A 308 -2.64 -13.50 0.62
CA ILE A 308 -1.67 -13.19 -0.43
C ILE A 308 -1.26 -14.47 -1.19
N ARG A 309 -1.10 -15.57 -0.48
CA ARG A 309 -0.76 -16.85 -1.09
C ARG A 309 -1.85 -17.30 -2.05
N THR A 310 -3.09 -17.21 -1.61
CA THR A 310 -4.21 -17.55 -2.47
C THR A 310 -4.27 -16.66 -3.70
N HIS A 311 -3.90 -15.39 -3.54
CA HIS A 311 -3.87 -14.50 -4.68
C HIS A 311 -2.77 -14.90 -5.68
N ALA A 312 -1.62 -15.37 -5.21
CA ALA A 312 -0.62 -15.90 -6.12
C ALA A 312 -1.21 -17.07 -6.93
N ASN A 313 -1.98 -17.94 -6.28
CA ASN A 313 -2.66 -19.01 -7.01
C ASN A 313 -3.69 -18.47 -8.01
N ARG A 314 -4.41 -17.41 -7.62
CA ARG A 314 -5.34 -16.75 -8.52
C ARG A 314 -4.64 -16.25 -9.77
N LEU A 315 -3.50 -15.60 -9.59
CA LEU A 315 -2.69 -15.13 -10.71
C LEU A 315 -2.26 -16.30 -11.60
N LYS A 316 -1.81 -17.38 -10.97
CA LYS A 316 -1.41 -18.58 -11.68
C LYS A 316 -2.55 -19.11 -12.56
N LEU A 317 -3.73 -19.24 -11.96
CA LEU A 317 -4.88 -19.76 -12.70
C LEU A 317 -5.35 -18.82 -13.80
N ALA A 318 -5.07 -17.53 -13.65
CA ALA A 318 -5.46 -16.54 -14.65
C ALA A 318 -4.48 -16.44 -15.81
N GLY A 319 -3.35 -17.15 -15.74
CA GLY A 319 -2.42 -17.19 -16.84
C GLY A 319 -1.23 -16.26 -16.71
N VAL A 320 -1.02 -15.65 -15.55
CA VAL A 320 0.16 -14.82 -15.34
C VAL A 320 1.08 -15.42 -14.27
#